data_4WYY
#
_entry.id   4WYY
#
_cell.length_a   44.745
_cell.length_b   70.824
_cell.length_c   106.230
_cell.angle_alpha   90.00
_cell.angle_beta   90.00
_cell.angle_gamma   90.00
#
_symmetry.space_group_name_H-M   'P 21 21 21'
#
loop_
_entity.id
_entity.type
_entity.pdbx_description
1 polymer Beta-lactamase
2 non-polymer GLYCEROL
3 non-polymer 'DIMETHYL SULFOXIDE'
4 non-polymer '[(3R)-1-hydroxy-4,5-dimethyl-6-(pyrazin-2-yloxy)-1,3-dihydro-2,1-benzoxaborol-3-yl]acetic acid'
5 water water
#
_entity_poly.entity_id   1
_entity_poly.type   'polypeptide(L)'
_entity_poly.pdbx_seq_one_letter_code
;APADRLKALVDAAVQPVMKANDIPGLAVAISLKGEPHYFSYGLASKEDGRRVTPETLFEIGSVSKTFTATLAGYALTQDK
MRLDDRASQHWPALQGSRFDGISLLDLATYTAGGLPLQFPDSVQKDQAQIRDYYRQWQPTYAPGSQRLYSNPSIGLFGYL
AARSLGQPFERLMEQQVFPALGLEQTHLDVPEAALAQYAQGYGKDDRPLRVGPGPLDAEGYGVKTSAADLLRFVDANLHP
ERLDRPWAQALDATHRGYYKVGDMTQGLGWEAYDWPISLKRLQAGNSTPMALQPHRIARLPAPQALEGQRLLNKTGSTNG
FGAYVAFVPGRDLGLVILANRNYPNAERVKIAYAILSGLE
;
_entity_poly.pdbx_strand_id   A
#
# COMPACT_ATOMS: atom_id res chain seq x y z
N ALA A 1 -7.88 -21.96 -27.04
CA ALA A 1 -6.71 -22.23 -26.20
C ALA A 1 -6.78 -21.53 -24.84
N PRO A 2 -6.02 -22.00 -23.81
CA PRO A 2 -6.06 -21.31 -22.50
C PRO A 2 -5.72 -19.80 -22.53
N ALA A 3 -4.79 -19.40 -23.43
CA ALA A 3 -4.41 -17.97 -23.52
C ALA A 3 -5.58 -17.14 -24.00
N ASP A 4 -6.40 -17.65 -24.93
CA ASP A 4 -7.57 -16.95 -25.45
C ASP A 4 -8.58 -16.79 -24.33
N ARG A 5 -8.83 -17.85 -23.52
CA ARG A 5 -9.79 -17.77 -22.42
C ARG A 5 -9.32 -16.78 -21.35
N LEU A 6 -8.03 -16.77 -21.00
CA LEU A 6 -7.52 -15.85 -19.98
C LEU A 6 -7.61 -14.41 -20.47
N LYS A 7 -7.23 -14.16 -21.73
CA LYS A 7 -7.33 -12.81 -22.30
C LYS A 7 -8.79 -12.41 -22.34
N ALA A 8 -9.71 -13.31 -22.73
CA ALA A 8 -11.12 -12.96 -22.77
C ALA A 8 -11.62 -12.57 -21.38
N LEU A 9 -11.22 -13.30 -20.34
CA LEU A 9 -11.65 -13.01 -18.96
C LEU A 9 -11.14 -11.64 -18.49
N VAL A 10 -9.84 -11.37 -18.72
CA VAL A 10 -9.28 -10.12 -18.25
C VAL A 10 -9.82 -8.97 -19.06
N ASP A 11 -9.91 -9.11 -20.40
CA ASP A 11 -10.49 -8.05 -21.21
C ASP A 11 -11.93 -7.75 -20.79
N ALA A 12 -12.73 -8.79 -20.53
CA ALA A 12 -14.14 -8.58 -20.16
C ALA A 12 -14.24 -7.86 -18.82
N ALA A 13 -13.29 -8.08 -17.91
CA ALA A 13 -13.30 -7.38 -16.61
C ALA A 13 -12.83 -5.94 -16.76
N VAL A 14 -11.75 -5.72 -17.54
CA VAL A 14 -11.11 -4.44 -17.64
C VAL A 14 -11.75 -3.45 -18.59
N GLN A 15 -12.02 -3.89 -19.82
CA GLN A 15 -12.41 -2.96 -20.87
C GLN A 15 -13.65 -2.14 -20.53
N PRO A 16 -14.75 -2.69 -20.02
CA PRO A 16 -15.90 -1.83 -19.71
C PRO A 16 -15.60 -0.85 -18.57
N VAL A 17 -14.79 -1.26 -17.57
CA VAL A 17 -14.46 -0.35 -16.48
C VAL A 17 -13.54 0.78 -16.97
N MET A 18 -12.60 0.49 -17.92
CA MET A 18 -11.78 1.59 -18.46
C MET A 18 -12.62 2.59 -19.22
N LYS A 19 -13.58 2.11 -20.02
CA LYS A 19 -14.44 3.01 -20.77
C LYS A 19 -15.29 3.81 -19.84
N ALA A 20 -15.91 3.13 -18.85
CA ALA A 20 -16.83 3.80 -17.94
C ALA A 20 -16.17 4.84 -17.05
N ASN A 21 -14.89 4.67 -16.74
CA ASN A 21 -14.19 5.61 -15.88
C ASN A 21 -13.20 6.47 -16.66
N ASP A 22 -13.25 6.39 -18.01
CA ASP A 22 -12.38 7.18 -18.91
C ASP A 22 -10.92 7.02 -18.50
N ILE A 23 -10.48 5.78 -18.28
CA ILE A 23 -9.11 5.57 -17.84
C ILE A 23 -8.20 5.56 -19.05
N PRO A 24 -7.17 6.40 -19.14
CA PRO A 24 -6.36 6.40 -20.36
C PRO A 24 -5.54 5.13 -20.53
N GLY A 25 -4.91 4.67 -19.43
CA GLY A 25 -4.03 3.52 -19.47
C GLY A 25 -4.14 2.68 -18.22
N LEU A 26 -4.03 1.37 -18.39
CA LEU A 26 -4.17 0.44 -17.27
C LEU A 26 -3.32 -0.80 -17.53
N ALA A 27 -2.57 -1.24 -16.51
CA ALA A 27 -1.78 -2.45 -16.55
C ALA A 27 -2.31 -3.44 -15.53
N VAL A 28 -2.48 -4.68 -15.97
CA VAL A 28 -2.82 -5.79 -15.09
C VAL A 28 -1.66 -6.76 -15.07
N ALA A 29 -1.36 -7.30 -13.89
CA ALA A 29 -0.41 -8.42 -13.79
C ALA A 29 -1.07 -9.43 -12.85
N ILE A 30 -1.03 -10.70 -13.23
CA ILE A 30 -1.61 -11.80 -12.45
C ILE A 30 -0.54 -12.86 -12.21
N SER A 31 -0.49 -13.37 -10.99
CA SER A 31 0.36 -14.52 -10.65
C SER A 31 -0.60 -15.68 -10.41
N LEU A 32 -0.50 -16.72 -11.26
CA LEU A 32 -1.41 -17.85 -11.22
C LEU A 32 -0.62 -19.15 -11.27
N LYS A 33 -0.72 -19.99 -10.23
CA LYS A 33 -0.01 -21.29 -10.18
C LYS A 33 1.52 -21.12 -10.43
N GLY A 34 2.10 -20.05 -9.92
CA GLY A 34 3.53 -19.79 -10.06
C GLY A 34 3.97 -19.20 -11.39
N GLU A 35 3.02 -18.71 -12.20
CA GLU A 35 3.34 -18.13 -13.48
C GLU A 35 2.77 -16.72 -13.61
N PRO A 36 3.56 -15.79 -14.15
CA PRO A 36 3.07 -14.40 -14.34
C PRO A 36 2.36 -14.25 -15.68
N HIS A 37 1.35 -13.38 -15.72
CA HIS A 37 0.59 -13.06 -16.93
C HIS A 37 0.37 -11.56 -16.91
N TYR A 38 0.60 -10.88 -18.03
CA TYR A 38 0.46 -9.43 -18.12
C TYR A 38 -0.53 -9.07 -19.19
N PHE A 39 -1.31 -8.03 -18.92
CA PHE A 39 -2.31 -7.48 -19.86
C PHE A 39 -2.21 -5.98 -19.77
N SER A 40 -1.89 -5.33 -20.89
CA SER A 40 -1.67 -3.90 -20.89
C SER A 40 -2.67 -3.22 -21.82
N TYR A 41 -3.24 -2.10 -21.38
CA TYR A 41 -4.29 -1.40 -22.12
C TYR A 41 -4.04 0.09 -22.22
N GLY A 42 -4.29 0.64 -23.39
CA GLY A 42 -4.29 2.08 -23.54
C GLY A 42 -2.95 2.76 -23.43
N LEU A 43 -3.02 4.01 -23.00
CA LEU A 43 -1.95 4.95 -23.10
C LEU A 43 -1.41 5.40 -21.77
N ALA A 44 -0.08 5.35 -21.66
CA ALA A 44 0.64 5.90 -20.51
C ALA A 44 0.62 7.44 -20.60
N SER A 45 0.65 7.98 -21.83
CA SER A 45 0.54 9.41 -22.08
C SER A 45 -0.31 9.59 -23.32
N LYS A 46 -1.43 10.30 -23.17
CA LYS A 46 -2.30 10.58 -24.29
C LYS A 46 -1.63 11.52 -25.30
N GLU A 47 -0.85 12.49 -24.80
CA GLU A 47 -0.24 13.52 -25.63
C GLU A 47 0.83 12.99 -26.58
N ASP A 48 1.66 12.05 -26.13
CA ASP A 48 2.70 11.51 -27.03
C ASP A 48 2.41 10.10 -27.55
N GLY A 49 1.27 9.54 -27.15
CA GLY A 49 0.84 8.23 -27.62
C GLY A 49 1.63 7.06 -27.09
N ARG A 50 2.38 7.26 -26.01
CA ARG A 50 3.16 6.17 -25.39
C ARG A 50 2.17 5.17 -24.80
N ARG A 51 2.31 3.90 -25.19
CA ARG A 51 1.41 2.85 -24.71
C ARG A 51 1.87 2.30 -23.38
N VAL A 52 0.87 1.83 -22.60
CA VAL A 52 1.15 1.12 -21.34
C VAL A 52 1.77 -0.22 -21.71
N THR A 53 2.78 -0.61 -20.93
CA THR A 53 3.39 -1.93 -20.99
C THR A 53 3.54 -2.43 -19.53
N PRO A 54 3.99 -3.69 -19.32
CA PRO A 54 4.24 -4.14 -17.93
C PRO A 54 5.44 -3.43 -17.27
N GLU A 55 6.18 -2.61 -18.01
CA GLU A 55 7.31 -1.85 -17.48
C GLU A 55 6.97 -0.37 -17.25
N THR A 56 5.78 0.08 -17.66
CA THR A 56 5.37 1.47 -17.42
C THR A 56 5.36 1.68 -15.89
N LEU A 57 5.86 2.84 -15.44
CA LEU A 57 5.82 3.20 -14.04
C LEU A 57 4.54 3.99 -13.76
N PHE A 58 3.86 3.55 -12.71
CA PHE A 58 2.67 4.21 -12.21
C PHE A 58 2.89 4.61 -10.75
N GLU A 59 2.24 5.68 -10.34
CA GLU A 59 2.19 5.98 -8.90
C GLU A 59 1.21 4.99 -8.26
N ILE A 60 1.60 4.37 -7.14
CA ILE A 60 0.71 3.41 -6.49
C ILE A 60 0.12 3.95 -5.19
N GLY A 61 0.40 5.21 -4.87
CA GLY A 61 -0.21 5.82 -3.70
C GLY A 61 -0.03 4.98 -2.45
N SER A 62 -1.12 4.79 -1.70
CA SER A 62 -1.09 4.08 -0.41
C SER A 62 -0.76 2.60 -0.47
N VAL A 63 -0.64 2.01 -1.70
CA VAL A 63 -0.04 0.68 -1.70
C VAL A 63 1.39 0.79 -1.13
N SER A 64 1.99 1.99 -1.20
CA SER A 64 3.32 2.23 -0.61
C SER A 64 3.32 1.84 0.88
N LYS A 65 2.18 1.94 1.56
CA LYS A 65 2.11 1.63 3.00
C LYS A 65 2.51 0.17 3.26
N THR A 66 2.33 -0.73 2.26
CA THR A 66 2.74 -2.13 2.44
C THR A 66 4.25 -2.26 2.35
N PHE A 67 4.90 -1.40 1.57
CA PHE A 67 6.38 -1.34 1.54
C PHE A 67 6.89 -0.75 2.86
N THR A 68 6.25 0.33 3.36
CA THR A 68 6.60 0.92 4.64
C THR A 68 6.51 -0.15 5.73
N ALA A 69 5.42 -0.93 5.71
CA ALA A 69 5.21 -2.00 6.70
C ALA A 69 6.32 -3.05 6.61
N THR A 70 6.80 -3.34 5.38
CA THR A 70 7.89 -4.32 5.18
C THR A 70 9.20 -3.80 5.81
N LEU A 71 9.51 -2.51 5.64
CA LEU A 71 10.70 -1.93 6.25
CA LEU A 71 10.72 -1.96 6.26
C LEU A 71 10.57 -2.06 7.78
N ALA A 72 9.37 -1.74 8.32
CA ALA A 72 9.18 -1.86 9.76
C ALA A 72 9.32 -3.34 10.18
N GLY A 73 8.82 -4.28 9.36
CA GLY A 73 8.99 -5.71 9.63
C GLY A 73 10.47 -6.07 9.74
N TYR A 74 11.31 -5.48 8.90
CA TYR A 74 12.75 -5.70 8.94
C TYR A 74 13.35 -5.15 10.24
N ALA A 75 12.94 -3.94 10.66
CA ALA A 75 13.44 -3.37 11.93
C ALA A 75 13.02 -4.25 13.11
N LEU A 76 11.82 -4.81 13.07
CA LEU A 76 11.32 -5.74 14.11
C LEU A 76 12.18 -7.01 14.15
N THR A 77 12.48 -7.62 12.97
CA THR A 77 13.29 -8.85 12.90
C THR A 77 14.67 -8.65 13.45
N GLN A 78 15.25 -7.44 13.26
CA GLN A 78 16.58 -7.06 13.71
C GLN A 78 16.55 -6.66 15.19
N ASP A 79 15.37 -6.68 15.86
CA ASP A 79 15.24 -6.28 17.28
C ASP A 79 15.65 -4.81 17.53
N LYS A 80 15.44 -3.95 16.54
CA LYS A 80 15.77 -2.52 16.67
C LYS A 80 14.58 -1.75 17.26
N MET A 81 13.39 -2.38 17.18
CA MET A 81 12.17 -1.83 17.73
C MET A 81 11.23 -2.97 18.05
N ARG A 82 10.19 -2.68 18.82
CA ARG A 82 9.12 -3.61 19.13
C ARG A 82 7.81 -2.89 18.92
N LEU A 83 6.77 -3.61 18.47
CA LEU A 83 5.47 -2.96 18.23
C LEU A 83 4.89 -2.31 19.47
N ASP A 84 5.24 -2.79 20.66
CA ASP A 84 4.72 -2.17 21.89
C ASP A 84 5.63 -1.04 22.41
N ASP A 85 6.69 -0.68 21.69
CA ASP A 85 7.49 0.48 22.09
C ASP A 85 6.65 1.75 22.07
N ARG A 86 6.94 2.70 22.96
CA ARG A 86 6.34 4.02 22.91
C ARG A 86 6.99 4.72 21.73
N ALA A 87 6.19 5.44 20.96
CA ALA A 87 6.71 6.11 19.78
C ALA A 87 7.88 7.05 20.07
N SER A 88 7.81 7.78 21.20
CA SER A 88 8.88 8.70 21.52
C SER A 88 10.22 8.04 21.88
N GLN A 89 10.24 6.73 22.11
CA GLN A 89 11.52 6.05 22.34
C GLN A 89 12.48 6.30 21.16
N HIS A 90 11.94 6.39 19.96
CA HIS A 90 12.74 6.46 18.74
C HIS A 90 12.98 7.85 18.17
N TRP A 91 12.54 8.90 18.88
CA TRP A 91 12.77 10.27 18.38
C TRP A 91 12.76 11.19 19.57
N PRO A 92 13.94 11.61 20.07
CA PRO A 92 13.99 12.41 21.29
C PRO A 92 13.16 13.68 21.26
N ALA A 93 13.00 14.30 20.08
CA ALA A 93 12.18 15.50 19.91
C ALA A 93 10.76 15.26 20.42
N LEU A 94 10.28 13.98 20.37
CA LEU A 94 8.93 13.64 20.83
C LEU A 94 8.84 13.33 22.33
N GLN A 95 9.97 13.27 23.02
CA GLN A 95 9.94 13.01 24.46
C GLN A 95 9.23 14.10 25.21
N GLY A 96 8.29 13.67 26.05
CA GLY A 96 7.47 14.59 26.80
C GLY A 96 6.19 14.96 26.08
N SER A 97 6.05 14.57 24.79
CA SER A 97 4.81 14.86 24.05
C SER A 97 3.82 13.74 24.33
N ARG A 98 2.65 13.80 23.69
CA ARG A 98 1.67 12.73 23.85
C ARG A 98 2.15 11.39 23.24
N PHE A 99 3.22 11.44 22.41
CA PHE A 99 3.78 10.22 21.84
C PHE A 99 4.54 9.37 22.87
N ASP A 100 4.64 9.87 24.12
CA ASP A 100 5.17 9.07 25.21
C ASP A 100 4.18 7.95 25.56
N GLY A 101 2.89 8.13 25.19
CA GLY A 101 1.83 7.19 25.54
C GLY A 101 1.15 6.50 24.37
N ILE A 102 1.81 6.49 23.19
CA ILE A 102 1.28 5.91 21.96
C ILE A 102 2.27 4.88 21.51
N SER A 103 1.79 3.68 21.17
CA SER A 103 2.70 2.64 20.72
C SER A 103 2.97 2.72 19.23
N LEU A 104 4.05 2.06 18.79
CA LEU A 104 4.30 1.93 17.37
C LEU A 104 3.15 1.16 16.68
N LEU A 105 2.59 0.14 17.34
CA LEU A 105 1.46 -0.58 16.75
C LEU A 105 0.28 0.35 16.50
N ASP A 106 -0.03 1.22 17.47
CA ASP A 106 -1.13 2.19 17.30
C ASP A 106 -0.87 3.06 16.07
N LEU A 107 0.38 3.53 15.89
CA LEU A 107 0.65 4.34 14.71
C LEU A 107 0.47 3.53 13.43
N ALA A 108 0.99 2.29 13.40
CA ALA A 108 0.95 1.48 12.20
C ALA A 108 -0.46 1.18 11.77
N THR A 109 -1.37 1.02 12.74
CA THR A 109 -2.74 0.55 12.46
C THR A 109 -3.75 1.66 12.66
N TYR A 110 -3.32 2.93 12.66
CA TYR A 110 -4.23 4.08 12.64
C TYR A 110 -5.08 4.21 13.88
N THR A 111 -4.60 3.72 15.01
CA THR A 111 -5.39 3.76 16.25
C THR A 111 -4.72 4.62 17.32
N ALA A 112 -3.88 5.58 16.93
CA ALA A 112 -3.18 6.41 17.92
C ALA A 112 -4.07 7.44 18.60
N GLY A 113 -5.30 7.63 18.14
CA GLY A 113 -6.19 8.58 18.79
C GLY A 113 -6.63 9.75 17.96
N GLY A 114 -6.77 9.55 16.65
CA GLY A 114 -7.32 10.60 15.83
C GLY A 114 -6.36 11.40 15.00
N LEU A 115 -5.11 10.90 14.77
CA LEU A 115 -4.22 11.57 13.82
C LEU A 115 -5.01 11.64 12.49
N PRO A 116 -4.98 12.80 11.81
CA PRO A 116 -5.89 13.01 10.66
C PRO A 116 -5.50 12.28 9.41
N LEU A 117 -6.42 12.24 8.44
CA LEU A 117 -6.15 11.61 7.16
C LEU A 117 -4.85 12.14 6.52
N GLN A 118 -4.71 13.46 6.48
CA GLN A 118 -3.57 14.14 5.88
C GLN A 118 -2.97 15.08 6.89
N PHE A 119 -1.70 15.39 6.70
CA PHE A 119 -1.12 16.48 7.45
C PHE A 119 -1.87 17.74 7.03
N PRO A 120 -2.03 18.70 7.95
CA PRO A 120 -2.66 19.98 7.56
C PRO A 120 -1.82 20.63 6.47
N ASP A 121 -2.48 21.46 5.64
CA ASP A 121 -1.81 22.17 4.55
C ASP A 121 -0.66 23.06 5.05
N SER A 122 -0.72 23.48 6.32
CA SER A 122 0.31 24.29 6.99
C SER A 122 1.61 23.52 7.25
N VAL A 123 1.62 22.17 7.13
CA VAL A 123 2.83 21.41 7.37
C VAL A 123 3.42 21.06 6.00
N GLN A 124 4.56 21.68 5.67
CA GLN A 124 5.24 21.40 4.42
C GLN A 124 6.23 20.25 4.60
N LYS A 125 6.87 19.82 3.50
CA LYS A 125 7.85 18.74 3.57
C LYS A 125 9.13 19.32 4.10
N ASP A 126 9.23 19.38 5.43
CA ASP A 126 10.35 20.02 6.10
C ASP A 126 10.44 19.35 7.46
N GLN A 127 11.63 18.90 7.82
CA GLN A 127 11.84 18.18 9.05
C GLN A 127 11.36 18.96 10.30
N ALA A 128 11.69 20.26 10.41
CA ALA A 128 11.29 21.02 11.58
C ALA A 128 9.77 21.17 11.68
N GLN A 129 9.09 21.39 10.54
CA GLN A 129 7.64 21.54 10.56
C GLN A 129 6.95 20.24 10.97
N ILE A 130 7.48 19.11 10.49
CA ILE A 130 6.91 17.79 10.82
C ILE A 130 7.12 17.50 12.32
N ARG A 131 8.35 17.75 12.80
CA ARG A 131 8.70 17.61 14.20
C ARG A 131 7.72 18.40 15.07
N ASP A 132 7.52 19.68 14.72
CA ASP A 132 6.68 20.56 15.54
C ASP A 132 5.22 20.13 15.50
N TYR A 133 4.78 19.61 14.35
CA TYR A 133 3.42 19.10 14.24
C TYR A 133 3.20 17.98 15.28
N TYR A 134 4.08 16.98 15.30
CA TYR A 134 3.90 15.89 16.26
C TYR A 134 4.08 16.30 17.72
N ARG A 135 5.02 17.21 18.00
CA ARG A 135 5.22 17.64 19.37
C ARG A 135 3.98 18.25 19.97
N GLN A 136 3.19 18.97 19.13
CA GLN A 136 2.02 19.68 19.62
C GLN A 136 0.71 18.91 19.53
N TRP A 137 0.71 17.78 18.86
CA TRP A 137 -0.52 17.03 18.62
C TRP A 137 -1.09 16.42 19.89
N GLN A 138 -2.40 16.46 20.03
CA GLN A 138 -3.07 15.86 21.17
C GLN A 138 -4.20 14.95 20.68
N PRO A 139 -4.31 13.71 21.20
CA PRO A 139 -5.38 12.82 20.75
C PRO A 139 -6.80 13.31 21.02
N THR A 140 -7.69 12.95 20.09
CA THR A 140 -9.13 13.25 20.21
C THR A 140 -9.79 12.17 21.09
N TYR A 141 -9.22 10.97 21.12
CA TYR A 141 -9.75 9.86 21.94
C TYR A 141 -8.60 8.93 22.30
N ALA A 142 -8.88 7.98 23.19
CA ALA A 142 -7.84 7.13 23.73
C ALA A 142 -7.17 6.32 22.65
N PRO A 143 -5.84 6.15 22.76
CA PRO A 143 -5.13 5.31 21.80
C PRO A 143 -5.62 3.89 21.96
N GLY A 144 -5.66 3.19 20.84
CA GLY A 144 -6.04 1.79 20.77
C GLY A 144 -7.51 1.53 20.64
N SER A 145 -8.35 2.59 20.57
CA SER A 145 -9.80 2.45 20.58
C SER A 145 -10.50 2.60 19.22
N GLN A 146 -10.07 3.59 18.43
CA GLN A 146 -10.72 3.91 17.17
C GLN A 146 -9.73 3.98 16.06
N ARG A 147 -10.09 3.41 14.93
CA ARG A 147 -9.28 3.45 13.73
C ARG A 147 -9.70 4.67 12.91
N LEU A 148 -8.73 5.52 12.55
CA LEU A 148 -8.99 6.63 11.62
C LEU A 148 -7.85 6.59 10.63
N TYR A 149 -8.13 6.18 9.41
CA TYR A 149 -7.10 6.02 8.39
C TYR A 149 -6.29 7.31 8.27
N SER A 150 -4.96 7.18 8.29
CA SER A 150 -4.13 8.37 8.47
C SER A 150 -2.72 8.26 7.93
N ASN A 151 -2.34 9.22 7.04
CA ASN A 151 -0.98 9.33 6.50
C ASN A 151 -0.01 9.78 7.60
N PRO A 152 -0.31 10.81 8.45
CA PRO A 152 0.63 11.11 9.54
C PRO A 152 0.82 9.92 10.49
N SER A 153 -0.18 9.06 10.67
CA SER A 153 -0.02 7.93 11.59
C SER A 153 0.97 6.87 11.09
N ILE A 154 0.67 6.23 9.95
CA ILE A 154 1.60 5.20 9.48
C ILE A 154 2.88 5.85 8.94
N GLY A 155 2.80 7.12 8.54
CA GLY A 155 3.99 7.84 8.11
C GLY A 155 4.97 7.94 9.26
N LEU A 156 4.48 8.30 10.47
CA LEU A 156 5.37 8.35 11.62
C LEU A 156 5.89 6.96 11.96
N PHE A 157 5.03 5.94 11.84
CA PHE A 157 5.50 4.57 12.08
C PHE A 157 6.72 4.25 11.18
N GLY A 158 6.62 4.54 9.89
CA GLY A 158 7.73 4.28 8.97
C GLY A 158 8.96 5.12 9.30
N TYR A 159 8.73 6.40 9.61
CA TYR A 159 9.83 7.31 9.95
C TYR A 159 10.58 6.81 11.19
N LEU A 160 9.85 6.37 12.22
CA LEU A 160 10.46 5.86 13.45
C LEU A 160 11.15 4.53 13.23
N ALA A 161 10.57 3.67 12.34
CA ALA A 161 11.25 2.40 12.00
C ALA A 161 12.61 2.71 11.34
N ALA A 162 12.66 3.72 10.47
CA ALA A 162 13.92 4.12 9.84
C ALA A 162 14.89 4.65 10.89
N ARG A 163 14.40 5.50 11.82
CA ARG A 163 15.26 6.00 12.89
C ARG A 163 15.82 4.85 13.72
N SER A 164 15.03 3.80 13.98
CA SER A 164 15.46 2.65 14.78
C SER A 164 16.62 1.92 14.10
N LEU A 165 16.69 2.02 12.76
CA LEU A 165 17.72 1.42 11.93
C LEU A 165 18.88 2.38 11.70
N GLY A 166 18.77 3.61 12.21
CA GLY A 166 19.83 4.63 12.14
C GLY A 166 20.09 5.20 10.76
N GLN A 167 19.10 5.13 9.84
CA GLN A 167 19.29 5.67 8.49
C GLN A 167 18.00 6.35 7.98
N PRO A 168 18.06 7.27 7.01
CA PRO A 168 16.81 7.86 6.50
C PRO A 168 15.96 6.79 5.82
N PHE A 169 14.64 6.97 5.90
CA PHE A 169 13.67 6.05 5.35
C PHE A 169 13.93 5.80 3.86
N GLU A 170 14.08 6.87 3.08
CA GLU A 170 14.21 6.73 1.63
C GLU A 170 15.48 5.96 1.27
N ARG A 171 16.55 6.20 2.04
CA ARG A 171 17.80 5.51 1.78
CA ARG A 171 17.80 5.52 1.80
C ARG A 171 17.67 4.01 2.05
N LEU A 172 17.02 3.64 3.17
CA LEU A 172 16.83 2.24 3.47
C LEU A 172 16.01 1.55 2.38
N MET A 173 14.99 2.22 1.87
CA MET A 173 14.17 1.63 0.82
CA MET A 173 14.17 1.64 0.80
C MET A 173 14.98 1.39 -0.44
N GLU A 174 15.76 2.39 -0.88
CA GLU A 174 16.55 2.24 -2.09
C GLU A 174 17.68 1.27 -1.96
N GLN A 175 18.41 1.35 -0.85
CA GLN A 175 19.65 0.61 -0.70
C GLN A 175 19.48 -0.78 -0.16
N GLN A 176 18.39 -1.01 0.61
CA GLN A 176 18.20 -2.32 1.23
C GLN A 176 16.90 -3.00 0.84
N VAL A 177 15.76 -2.34 0.98
CA VAL A 177 14.47 -3.04 0.77
C VAL A 177 14.25 -3.44 -0.67
N PHE A 178 14.29 -2.46 -1.59
CA PHE A 178 14.01 -2.82 -2.97
C PHE A 178 15.02 -3.84 -3.51
N PRO A 179 16.33 -3.72 -3.27
CA PRO A 179 17.25 -4.78 -3.74
C PRO A 179 16.94 -6.15 -3.11
N ALA A 180 16.58 -6.20 -1.80
CA ALA A 180 16.30 -7.51 -1.15
C ALA A 180 15.09 -8.16 -1.79
N LEU A 181 14.16 -7.37 -2.31
CA LEU A 181 12.95 -7.88 -2.92
C LEU A 181 13.12 -8.11 -4.44
N GLY A 182 14.30 -7.81 -4.99
CA GLY A 182 14.60 -8.01 -6.41
C GLY A 182 13.90 -7.01 -7.31
N LEU A 183 13.67 -5.80 -6.79
CA LEU A 183 12.91 -4.76 -7.48
C LEU A 183 13.82 -3.69 -8.04
N GLU A 184 14.00 -3.72 -9.36
CA GLU A 184 14.86 -2.77 -10.07
C GLU A 184 14.05 -1.71 -10.82
N GLN A 185 12.71 -1.82 -10.82
CA GLN A 185 11.83 -0.87 -11.50
C GLN A 185 10.87 -0.25 -10.49
N THR A 186 11.36 -0.06 -9.25
CA THR A 186 10.56 0.46 -8.14
C THR A 186 11.31 1.62 -7.50
N HIS A 187 10.66 2.79 -7.37
CA HIS A 187 11.37 4.01 -7.00
C HIS A 187 10.58 4.87 -6.06
N LEU A 188 11.28 5.59 -5.20
CA LEU A 188 10.67 6.69 -4.47
C LEU A 188 10.93 7.98 -5.25
N ASP A 189 12.11 8.11 -5.89
CA ASP A 189 12.50 9.28 -6.65
C ASP A 189 12.93 8.74 -8.00
N VAL A 190 12.08 8.85 -9.04
CA VAL A 190 12.39 8.19 -10.30
C VAL A 190 13.66 8.75 -10.91
N PRO A 191 14.64 7.89 -11.24
CA PRO A 191 15.86 8.41 -11.87
C PRO A 191 15.53 9.08 -13.21
N GLU A 192 16.30 10.08 -13.57
CA GLU A 192 16.14 10.76 -14.85
C GLU A 192 16.17 9.77 -16.00
N ALA A 193 17.00 8.74 -15.91
CA ALA A 193 17.13 7.74 -16.98
C ALA A 193 15.91 6.83 -17.12
N ALA A 194 15.02 6.82 -16.10
CA ALA A 194 13.81 5.99 -16.13
C ALA A 194 12.56 6.85 -16.42
N LEU A 195 12.71 8.16 -16.58
CA LEU A 195 11.54 9.05 -16.75
C LEU A 195 10.70 8.73 -17.96
N ALA A 196 11.29 8.18 -19.01
CA ALA A 196 10.53 7.82 -20.22
C ALA A 196 9.47 6.74 -19.92
N GLN A 197 9.64 5.98 -18.82
CA GLN A 197 8.67 4.96 -18.43
C GLN A 197 7.58 5.51 -17.52
N TYR A 198 7.71 6.72 -17.00
CA TYR A 198 6.77 7.24 -16.02
C TYR A 198 5.50 7.71 -16.74
N ALA A 199 4.38 7.05 -16.47
CA ALA A 199 3.13 7.42 -17.07
C ALA A 199 2.71 8.81 -16.61
N GLN A 200 1.87 9.45 -17.43
CA GLN A 200 1.24 10.69 -17.00
C GLN A 200 0.01 10.32 -16.19
N GLY A 201 -0.32 11.09 -15.15
CA GLY A 201 -1.55 10.91 -14.41
C GLY A 201 -2.58 11.92 -14.92
N TYR A 202 -3.86 11.60 -14.83
CA TYR A 202 -4.91 12.47 -15.34
C TYR A 202 -5.99 12.69 -14.31
N GLY A 203 -6.37 13.96 -14.14
CA GLY A 203 -7.47 14.38 -13.27
C GLY A 203 -8.61 14.99 -14.05
N LYS A 204 -9.31 15.95 -13.42
CA LYS A 204 -10.46 16.66 -14.01
C LYS A 204 -10.05 17.40 -15.28
N ASP A 205 -10.86 17.26 -16.36
CA ASP A 205 -10.64 17.82 -17.69
C ASP A 205 -9.26 17.41 -18.23
N ASP A 206 -8.83 16.18 -17.85
CA ASP A 206 -7.53 15.58 -18.17
C ASP A 206 -6.37 16.45 -17.74
N ARG A 207 -6.50 17.17 -16.62
CA ARG A 207 -5.35 17.92 -16.14
C ARG A 207 -4.20 16.91 -15.82
N PRO A 208 -2.94 17.18 -16.23
CA PRO A 208 -1.84 16.22 -15.95
C PRO A 208 -1.45 16.34 -14.49
N LEU A 209 -1.26 15.20 -13.85
CA LEU A 209 -0.99 15.16 -12.43
C LEU A 209 -0.01 14.10 -12.05
N ARG A 210 1.17 14.51 -11.62
CA ARG A 210 2.17 13.64 -11.04
C ARG A 210 2.35 14.16 -9.62
N VAL A 211 2.56 13.27 -8.70
CA VAL A 211 2.60 13.59 -7.28
C VAL A 211 3.72 14.55 -6.93
N GLY A 212 3.35 15.56 -6.15
CA GLY A 212 4.29 16.57 -5.70
C GLY A 212 4.80 16.25 -4.30
N PRO A 213 5.83 16.97 -3.86
CA PRO A 213 6.39 16.74 -2.52
C PRO A 213 5.41 17.05 -1.38
N GLY A 214 5.46 16.23 -0.36
CA GLY A 214 4.66 16.44 0.84
C GLY A 214 5.33 15.80 2.03
N PRO A 215 4.92 16.22 3.25
CA PRO A 215 5.51 15.65 4.45
C PRO A 215 5.25 14.14 4.57
N LEU A 216 6.29 13.38 4.82
CA LEU A 216 6.29 11.92 4.93
C LEU A 216 5.61 11.26 3.71
N ASP A 217 5.81 11.87 2.53
CA ASP A 217 5.26 11.31 1.30
C ASP A 217 5.83 9.94 0.98
N ALA A 218 7.12 9.72 1.20
CA ALA A 218 7.71 8.44 0.86
C ALA A 218 7.04 7.31 1.64
N GLU A 219 6.85 7.54 2.95
CA GLU A 219 6.27 6.54 3.84
C GLU A 219 4.80 6.29 3.56
N GLY A 220 4.06 7.33 3.18
CA GLY A 220 2.63 7.18 3.03
C GLY A 220 2.15 6.80 1.65
N TYR A 221 2.77 7.35 0.61
CA TYR A 221 2.17 7.21 -0.71
C TYR A 221 3.14 7.48 -1.87
N GLY A 222 4.44 7.35 -1.65
CA GLY A 222 5.39 7.83 -2.66
C GLY A 222 5.98 6.84 -3.64
N VAL A 223 5.63 5.55 -3.61
CA VAL A 223 6.27 4.63 -4.53
C VAL A 223 5.73 4.77 -5.96
N LYS A 224 6.65 4.67 -6.93
CA LYS A 224 6.33 4.51 -8.36
C LYS A 224 6.91 3.17 -8.78
N THR A 225 6.13 2.34 -9.45
CA THR A 225 6.59 1.03 -9.86
C THR A 225 5.83 0.57 -11.07
N SER A 226 6.34 -0.51 -11.68
CA SER A 226 5.68 -1.11 -12.84
C SER A 226 4.77 -2.25 -12.39
N ALA A 227 3.88 -2.71 -13.28
CA ALA A 227 3.04 -3.85 -12.94
C ALA A 227 3.91 -5.08 -12.75
N ALA A 228 4.97 -5.23 -13.56
CA ALA A 228 5.84 -6.38 -13.41
C ALA A 228 6.55 -6.37 -12.05
N ASP A 229 7.07 -5.21 -11.61
CA ASP A 229 7.72 -5.18 -10.31
C ASP A 229 6.71 -5.33 -9.17
N LEU A 230 5.53 -4.74 -9.31
CA LEU A 230 4.59 -4.89 -8.20
C LEU A 230 4.12 -6.34 -8.08
N LEU A 231 4.03 -7.06 -9.22
CA LEU A 231 3.71 -8.47 -9.12
C LEU A 231 4.86 -9.25 -8.48
N ARG A 232 6.12 -8.85 -8.73
CA ARG A 232 7.24 -9.50 -8.03
C ARG A 232 7.08 -9.31 -6.52
N PHE A 233 6.65 -8.12 -6.08
CA PHE A 233 6.42 -7.88 -4.66
C PHE A 233 5.25 -8.75 -4.14
N VAL A 234 4.18 -8.91 -4.93
CA VAL A 234 3.10 -9.83 -4.54
C VAL A 234 3.61 -11.25 -4.43
N ASP A 235 4.42 -11.70 -5.38
CA ASP A 235 4.99 -13.04 -5.30
C ASP A 235 5.88 -13.23 -4.09
N ALA A 236 6.62 -12.19 -3.67
CA ALA A 236 7.43 -12.28 -2.44
C ALA A 236 6.47 -12.42 -1.25
N ASN A 237 5.32 -11.70 -1.27
CA ASN A 237 4.32 -11.85 -0.21
C ASN A 237 3.67 -13.24 -0.21
N LEU A 238 3.49 -13.86 -1.37
CA LEU A 238 2.90 -15.20 -1.46
C LEU A 238 3.90 -16.26 -1.02
N HIS A 239 5.21 -15.98 -1.18
CA HIS A 239 6.25 -16.96 -0.85
C HIS A 239 7.43 -16.31 -0.14
N PRO A 240 7.23 -15.83 1.09
CA PRO A 240 8.36 -15.16 1.79
C PRO A 240 9.51 -16.11 2.00
N GLU A 241 9.25 -17.43 2.12
CA GLU A 241 10.28 -18.45 2.35
C GLU A 241 11.32 -18.52 1.25
N ARG A 242 11.04 -17.92 0.08
CA ARG A 242 12.01 -17.93 -1.02
C ARG A 242 13.09 -16.86 -0.84
N LEU A 243 12.89 -15.92 0.09
CA LEU A 243 13.86 -14.86 0.32
C LEU A 243 14.79 -15.25 1.43
N ASP A 244 15.93 -14.51 1.54
CA ASP A 244 16.81 -14.71 2.66
C ASP A 244 16.02 -14.47 3.97
N ARG A 245 16.31 -15.26 5.03
CA ARG A 245 15.47 -15.32 6.25
C ARG A 245 15.08 -13.96 6.86
N PRO A 246 15.98 -12.98 7.01
CA PRO A 246 15.54 -11.71 7.62
C PRO A 246 14.43 -11.04 6.80
N TRP A 247 14.50 -11.16 5.47
CA TRP A 247 13.49 -10.55 4.60
C TRP A 247 12.19 -11.36 4.57
N ALA A 248 12.34 -12.71 4.69
CA ALA A 248 11.16 -13.55 4.82
C ALA A 248 10.38 -13.14 6.07
N GLN A 249 11.08 -12.93 7.19
CA GLN A 249 10.45 -12.51 8.43
C GLN A 249 9.89 -11.11 8.36
N ALA A 250 10.54 -10.21 7.61
CA ALA A 250 10.00 -8.86 7.44
C ALA A 250 8.65 -8.93 6.74
N LEU A 251 8.54 -9.73 5.69
CA LEU A 251 7.27 -9.90 4.97
C LEU A 251 6.24 -10.58 5.84
N ASP A 252 6.65 -11.59 6.61
CA ASP A 252 5.70 -12.29 7.50
CA ASP A 252 5.71 -12.28 7.48
C ASP A 252 5.07 -11.34 8.50
N ALA A 253 5.82 -10.32 8.94
CA ALA A 253 5.31 -9.39 9.93
C ALA A 253 4.13 -8.58 9.39
N THR A 254 4.01 -8.50 8.05
CA THR A 254 2.89 -7.77 7.42
C THR A 254 1.68 -8.70 7.19
N HIS A 255 1.78 -9.95 7.63
CA HIS A 255 0.71 -10.94 7.47
C HIS A 255 0.12 -11.35 8.82
N ARG A 256 -0.02 -10.37 9.70
CA ARG A 256 -0.50 -10.59 11.06
C ARG A 256 -1.60 -9.60 11.35
N GLY A 257 -2.80 -10.12 11.70
CA GLY A 257 -3.93 -9.22 11.95
C GLY A 257 -4.07 -8.86 13.43
N TYR A 258 -4.44 -7.60 13.71
CA TYR A 258 -4.49 -7.09 15.07
C TYR A 258 -5.88 -6.81 15.57
N TYR A 259 -6.79 -6.46 14.69
CA TYR A 259 -8.17 -6.16 15.06
C TYR A 259 -9.03 -6.22 13.82
N LYS A 260 -10.34 -6.20 14.02
CA LYS A 260 -11.30 -6.19 12.94
CA LYS A 260 -11.29 -6.19 12.92
C LYS A 260 -12.15 -4.94 12.95
N VAL A 261 -12.55 -4.49 11.77
CA VAL A 261 -13.55 -3.42 11.58
C VAL A 261 -14.48 -4.02 10.53
N GLY A 262 -15.69 -4.43 10.93
CA GLY A 262 -16.59 -5.07 9.99
C GLY A 262 -15.98 -6.33 9.45
N ASP A 263 -15.93 -6.45 8.12
CA ASP A 263 -15.36 -7.64 7.47
C ASP A 263 -13.85 -7.58 7.33
N MET A 264 -13.21 -6.48 7.68
CA MET A 264 -11.78 -6.27 7.43
C MET A 264 -10.95 -6.53 8.67
N THR A 265 -9.87 -7.30 8.51
CA THR A 265 -8.87 -7.51 9.57
C THR A 265 -7.62 -6.70 9.22
N GLN A 266 -7.19 -5.83 10.14
CA GLN A 266 -6.08 -4.92 9.86
C GLN A 266 -4.75 -5.55 10.20
N GLY A 267 -3.85 -5.61 9.20
CA GLY A 267 -2.46 -5.97 9.43
C GLY A 267 -1.58 -4.73 9.36
N LEU A 268 -0.27 -4.93 9.23
CA LEU A 268 0.64 -3.79 8.99
C LEU A 268 0.61 -3.58 7.48
N GLY A 269 0.00 -2.48 7.06
CA GLY A 269 -0.21 -2.19 5.65
C GLY A 269 -1.38 -2.96 5.02
N TRP A 270 -1.26 -4.28 4.94
CA TRP A 270 -2.31 -5.11 4.33
C TRP A 270 -3.59 -5.09 5.17
N GLU A 271 -4.72 -5.19 4.46
CA GLU A 271 -6.07 -5.32 4.99
C GLU A 271 -6.64 -6.61 4.46
N ALA A 272 -7.21 -7.44 5.33
CA ALA A 272 -7.62 -8.78 4.94
C ALA A 272 -9.10 -9.07 5.10
N TYR A 273 -9.60 -9.99 4.26
CA TYR A 273 -10.99 -10.44 4.27
C TYR A 273 -11.02 -11.93 4.18
N ASP A 274 -12.09 -12.53 4.69
CA ASP A 274 -12.31 -13.93 4.42
C ASP A 274 -12.58 -14.10 2.91
N TRP A 275 -12.20 -15.25 2.35
CA TRP A 275 -12.35 -15.52 0.94
C TRP A 275 -12.93 -16.92 0.73
N PRO A 276 -14.09 -17.06 0.10
CA PRO A 276 -14.87 -16.03 -0.62
C PRO A 276 -15.65 -15.10 0.28
N ILE A 277 -15.99 -13.95 -0.30
CA ILE A 277 -16.85 -12.95 0.31
C ILE A 277 -17.54 -12.25 -0.86
N SER A 278 -18.68 -11.63 -0.65
CA SER A 278 -19.36 -10.98 -1.78
C SER A 278 -18.57 -9.76 -2.27
N LEU A 279 -18.80 -9.41 -3.54
CA LEU A 279 -18.22 -8.21 -4.10
C LEU A 279 -18.70 -6.98 -3.32
N LYS A 280 -19.99 -6.91 -2.98
CA LYS A 280 -20.46 -5.72 -2.27
C LYS A 280 -19.75 -5.55 -0.92
N ARG A 281 -19.43 -6.65 -0.23
CA ARG A 281 -18.71 -6.54 1.05
C ARG A 281 -17.28 -6.09 0.87
N LEU A 282 -16.62 -6.59 -0.20
CA LEU A 282 -15.25 -6.20 -0.46
C LEU A 282 -15.23 -4.71 -0.89
N GLN A 283 -16.22 -4.27 -1.66
CA GLN A 283 -16.30 -2.85 -2.02
C GLN A 283 -16.54 -2.01 -0.76
N ALA A 284 -17.40 -2.47 0.18
CA ALA A 284 -17.67 -1.70 1.38
C ALA A 284 -16.44 -1.56 2.24
N GLY A 285 -15.61 -2.60 2.29
CA GLY A 285 -14.38 -2.51 3.07
C GLY A 285 -13.37 -1.53 2.48
N ASN A 286 -13.47 -1.26 1.17
CA ASN A 286 -12.57 -0.38 0.45
C ASN A 286 -13.32 0.91 0.07
N SER A 287 -14.36 1.29 0.83
CA SER A 287 -15.19 2.43 0.51
C SER A 287 -14.71 3.73 1.15
N THR A 288 -15.30 4.84 0.70
CA THR A 288 -14.95 6.18 1.18
C THR A 288 -15.12 6.28 2.71
N PRO A 289 -16.20 5.77 3.34
CA PRO A 289 -16.29 5.87 4.81
C PRO A 289 -15.13 5.18 5.53
N MET A 290 -14.57 4.10 4.94
CA MET A 290 -13.42 3.45 5.58
C MET A 290 -12.18 4.32 5.56
N ALA A 291 -12.07 5.20 4.56
CA ALA A 291 -10.93 6.10 4.48
C ALA A 291 -11.15 7.38 5.27
N LEU A 292 -12.40 7.81 5.46
CA LEU A 292 -12.67 9.14 6.02
C LEU A 292 -13.25 9.20 7.41
N GLN A 293 -13.83 8.12 7.92
CA GLN A 293 -14.51 8.17 9.21
C GLN A 293 -13.85 7.28 10.24
N PRO A 294 -13.96 7.60 11.54
CA PRO A 294 -13.40 6.72 12.56
C PRO A 294 -14.31 5.51 12.76
N HIS A 295 -13.72 4.39 13.12
CA HIS A 295 -14.47 3.18 13.42
C HIS A 295 -13.92 2.56 14.68
N ARG A 296 -14.82 2.13 15.59
CA ARG A 296 -14.37 1.42 16.77
C ARG A 296 -13.85 0.03 16.36
N ILE A 297 -12.78 -0.40 16.96
CA ILE A 297 -12.15 -1.67 16.57
C ILE A 297 -12.63 -2.82 17.47
N ALA A 298 -12.50 -4.07 16.96
CA ALA A 298 -12.72 -5.29 17.74
C ALA A 298 -11.33 -5.94 17.83
N ARG A 299 -10.61 -5.72 18.92
CA ARG A 299 -9.25 -6.20 19.07
C ARG A 299 -9.19 -7.71 19.18
N LEU A 300 -8.22 -8.33 18.51
CA LEU A 300 -8.06 -9.77 18.60
C LEU A 300 -7.28 -10.14 19.88
N PRO A 301 -7.61 -11.27 20.53
CA PRO A 301 -6.88 -11.67 21.75
C PRO A 301 -5.39 -11.92 21.54
N ALA A 302 -5.01 -12.31 20.31
CA ALA A 302 -3.62 -12.54 19.93
C ALA A 302 -3.50 -12.17 18.45
N PRO A 303 -2.33 -11.77 17.95
CA PRO A 303 -2.24 -11.49 16.51
C PRO A 303 -2.56 -12.75 15.70
N GLN A 304 -3.36 -12.58 14.65
CA GLN A 304 -3.84 -13.69 13.82
C GLN A 304 -3.03 -13.84 12.53
N ALA A 305 -2.62 -15.07 12.19
CA ALA A 305 -1.91 -15.30 10.93
C ALA A 305 -2.87 -15.03 9.75
N LEU A 306 -2.47 -14.16 8.81
CA LEU A 306 -3.29 -13.80 7.64
C LEU A 306 -2.87 -14.67 6.49
N GLU A 307 -3.34 -15.90 6.50
CA GLU A 307 -2.99 -16.91 5.51
C GLU A 307 -4.24 -17.74 5.16
N GLY A 308 -4.06 -18.71 4.29
CA GLY A 308 -5.17 -19.59 3.96
C GLY A 308 -6.23 -18.92 3.13
N GLN A 309 -7.50 -19.12 3.49
CA GLN A 309 -8.67 -18.63 2.73
C GLN A 309 -9.01 -17.22 3.05
N ARG A 310 -8.09 -16.36 2.66
CA ARG A 310 -8.23 -14.94 2.90
C ARG A 310 -7.75 -14.19 1.70
N LEU A 311 -8.29 -13.00 1.51
CA LEU A 311 -7.84 -12.11 0.48
CA LEU A 311 -7.87 -12.07 0.48
C LEU A 311 -7.17 -10.92 1.20
N LEU A 312 -5.90 -10.67 0.92
CA LEU A 312 -5.15 -9.51 1.46
C LEU A 312 -5.11 -8.47 0.35
N ASN A 313 -5.38 -7.23 0.68
CA ASN A 313 -5.43 -6.20 -0.36
C ASN A 313 -5.02 -4.85 0.13
N LYS A 314 -4.80 -3.95 -0.82
CA LYS A 314 -4.62 -2.55 -0.50
C LYS A 314 -4.95 -1.72 -1.73
N THR A 315 -5.78 -0.68 -1.57
CA THR A 315 -6.00 0.35 -2.57
C THR A 315 -4.92 1.45 -2.40
N GLY A 316 -4.62 2.13 -3.49
CA GLY A 316 -3.74 3.27 -3.38
C GLY A 316 -4.07 4.28 -4.44
N SER A 317 -4.06 5.56 -4.09
CA SER A 317 -4.39 6.62 -5.04
C SER A 317 -3.53 7.81 -4.81
N THR A 318 -3.30 8.56 -5.90
CA THR A 318 -2.74 9.91 -5.82
C THR A 318 -3.69 10.77 -6.62
N ASN A 319 -3.39 12.06 -6.80
CA ASN A 319 -4.34 12.87 -7.56
C ASN A 319 -4.58 12.35 -8.98
N GLY A 320 -3.55 11.77 -9.59
CA GLY A 320 -3.63 11.31 -10.97
C GLY A 320 -3.68 9.83 -11.21
N PHE A 321 -3.63 8.99 -10.15
CA PHE A 321 -3.46 7.55 -10.33
C PHE A 321 -4.33 6.74 -9.38
N GLY A 322 -4.62 5.50 -9.78
CA GLY A 322 -5.45 4.60 -8.99
C GLY A 322 -4.93 3.19 -9.13
N ALA A 323 -4.47 2.60 -8.03
CA ALA A 323 -3.89 1.26 -7.94
C ALA A 323 -4.70 0.36 -7.03
N TYR A 324 -4.57 -0.95 -7.26
CA TYR A 324 -5.19 -1.94 -6.39
C TYR A 324 -4.36 -3.20 -6.48
N VAL A 325 -4.10 -3.82 -5.32
CA VAL A 325 -3.35 -5.08 -5.25
CA VAL A 325 -3.38 -5.09 -5.26
C VAL A 325 -4.12 -6.01 -4.35
N ALA A 326 -4.20 -7.29 -4.74
CA ALA A 326 -4.87 -8.29 -3.91
C ALA A 326 -4.19 -9.63 -4.09
N PHE A 327 -4.14 -10.46 -3.04
CA PHE A 327 -3.62 -11.81 -3.19
C PHE A 327 -4.31 -12.73 -2.22
N VAL A 328 -4.32 -14.00 -2.58
CA VAL A 328 -4.98 -15.05 -1.79
C VAL A 328 -3.90 -16.07 -1.43
N PRO A 329 -3.33 -15.98 -0.21
CA PRO A 329 -2.24 -16.87 0.18
C PRO A 329 -2.51 -18.36 -0.05
N GLY A 330 -3.72 -18.81 0.31
CA GLY A 330 -4.07 -20.24 0.22
C GLY A 330 -4.33 -20.73 -1.20
N ARG A 331 -4.28 -19.85 -2.20
CA ARG A 331 -4.53 -20.25 -3.57
C ARG A 331 -3.35 -19.88 -4.47
N ASP A 332 -2.27 -19.34 -3.91
CA ASP A 332 -1.08 -18.96 -4.71
C ASP A 332 -1.51 -18.05 -5.87
N LEU A 333 -2.34 -17.04 -5.55
CA LEU A 333 -2.94 -16.17 -6.56
C LEU A 333 -2.68 -14.74 -6.19
N GLY A 334 -2.23 -13.96 -7.16
CA GLY A 334 -1.92 -12.55 -6.91
C GLY A 334 -2.39 -11.71 -8.08
N LEU A 335 -2.76 -10.45 -7.81
CA LEU A 335 -3.24 -9.57 -8.84
C LEU A 335 -2.84 -8.13 -8.56
N VAL A 336 -2.44 -7.43 -9.61
CA VAL A 336 -2.11 -6.02 -9.61
C VAL A 336 -2.92 -5.32 -10.69
N ILE A 337 -3.51 -4.16 -10.37
CA ILE A 337 -4.23 -3.35 -11.36
C ILE A 337 -3.77 -1.92 -11.18
N LEU A 338 -3.02 -1.38 -12.14
CA LEU A 338 -2.49 0.00 -12.04
C LEU A 338 -3.07 0.86 -13.13
N ALA A 339 -3.56 2.06 -12.79
CA ALA A 339 -4.17 2.96 -13.76
C ALA A 339 -3.68 4.38 -13.55
N ASN A 340 -3.73 5.17 -14.65
CA ASN A 340 -3.35 6.57 -14.59
C ASN A 340 -4.54 7.52 -14.53
N ARG A 341 -5.55 7.09 -13.78
CA ARG A 341 -6.62 7.96 -13.30
C ARG A 341 -6.98 7.49 -11.88
N ASN A 342 -7.28 8.40 -10.95
CA ASN A 342 -7.81 8.08 -9.64
C ASN A 342 -9.32 7.82 -9.84
N TYR A 343 -9.67 6.59 -10.19
CA TYR A 343 -11.05 6.16 -10.43
C TYR A 343 -11.56 5.46 -9.18
N PRO A 344 -12.89 5.38 -8.97
CA PRO A 344 -13.41 4.91 -7.68
C PRO A 344 -12.90 3.55 -7.25
N ASN A 345 -12.58 3.43 -5.95
CA ASN A 345 -12.10 2.14 -5.45
C ASN A 345 -13.08 1.03 -5.76
N ALA A 346 -14.40 1.33 -5.71
CA ALA A 346 -15.39 0.27 -5.99
C ALA A 346 -15.22 -0.34 -7.37
N GLU A 347 -14.77 0.49 -8.33
CA GLU A 347 -14.56 0.04 -9.70
C GLU A 347 -13.30 -0.80 -9.82
N ARG A 348 -12.27 -0.47 -9.02
CA ARG A 348 -11.04 -1.26 -9.01
C ARG A 348 -11.33 -2.66 -8.49
N VAL A 349 -12.12 -2.71 -7.41
CA VAL A 349 -12.48 -3.99 -6.80
C VAL A 349 -13.38 -4.78 -7.75
N LYS A 350 -14.24 -4.11 -8.50
CA LYS A 350 -15.09 -4.75 -9.49
C LYS A 350 -14.24 -5.48 -10.55
N ILE A 351 -13.18 -4.84 -11.07
CA ILE A 351 -12.31 -5.53 -12.05
C ILE A 351 -11.67 -6.73 -11.36
N ALA A 352 -11.08 -6.52 -10.16
CA ALA A 352 -10.39 -7.60 -9.49
C ALA A 352 -11.27 -8.79 -9.22
N TYR A 353 -12.49 -8.53 -8.76
CA TYR A 353 -13.42 -9.58 -8.39
C TYR A 353 -13.83 -10.38 -9.62
N ALA A 354 -14.05 -9.73 -10.77
CA ALA A 354 -14.38 -10.45 -12.00
C ALA A 354 -13.21 -11.35 -12.40
N ILE A 355 -11.97 -10.88 -12.26
CA ILE A 355 -10.83 -11.72 -12.60
C ILE A 355 -10.72 -12.89 -11.65
N LEU A 356 -10.69 -12.60 -10.35
CA LEU A 356 -10.51 -13.66 -9.35
C LEU A 356 -11.61 -14.69 -9.39
N SER A 357 -12.87 -14.28 -9.64
CA SER A 357 -14.01 -15.19 -9.74
C SER A 357 -13.87 -16.09 -10.96
N GLY A 358 -13.39 -15.54 -12.08
CA GLY A 358 -13.21 -16.28 -13.32
C GLY A 358 -12.02 -17.23 -13.34
N LEU A 359 -10.98 -16.95 -12.52
CA LEU A 359 -9.80 -17.81 -12.40
C LEU A 359 -10.20 -19.05 -11.62
N GLU A 360 -11.06 -18.86 -10.59
CA GLU A 360 -11.60 -19.89 -9.69
C GLU A 360 -12.38 -20.98 -10.43
#